data_5V3S
#
_entry.id   5V3S
#
_cell.length_a   59.288
_cell.length_b   34.419
_cell.length_c   71.436
_cell.angle_alpha   90.00
_cell.angle_beta   96.54
_cell.angle_gamma   90.00
#
_symmetry.space_group_name_H-M   'P 1 21 1'
#
loop_
_entity.id
_entity.type
_entity.pdbx_description
1 polymer 'Two-component insecticidal protein 16 kDa unit'
2 water water
#
_entity_poly.entity_id   1
_entity_poly.type   'polypeptide(L)'
_entity_poly.pdbx_seq_one_letter_code
;(MSE)TAKDIATEESKIRAYAQW(MSE)EITIFVVNSNFKVEGAYLRWGKFHVPGDKDKEISPSQINGTIIKDEDSYTIA
SCGRENASSGTEGGFSLYDGDKLVFEYYWDCPWSGSNSDELTVKDKENYTVIKKGGGSPSGA(MSE)GNIFITVVKKSLE
HHHHHH
;
_entity_poly.pdbx_strand_id   A,B
#
# COMPACT_ATOMS: atom_id res chain seq x y z
N GLU A 9 0.46 -27.09 -13.25
CA GLU A 9 0.03 -25.79 -13.87
C GLU A 9 -1.24 -25.24 -13.20
N GLU A 10 -2.10 -26.12 -12.69
CA GLU A 10 -3.27 -25.71 -11.90
C GLU A 10 -3.10 -25.97 -10.39
N SER A 11 -2.06 -26.70 -10.02
CA SER A 11 -1.65 -26.77 -8.62
C SER A 11 -1.23 -25.38 -8.13
N LYS A 12 -0.50 -24.68 -8.98
CA LYS A 12 0.08 -23.42 -8.58
C LYS A 12 -0.98 -22.34 -8.65
N ILE A 13 -1.80 -22.32 -9.71
CA ILE A 13 -2.85 -21.31 -9.76
C ILE A 13 -3.54 -21.29 -8.39
N ARG A 14 -3.91 -22.46 -7.89
CA ARG A 14 -4.63 -22.59 -6.62
C ARG A 14 -3.88 -21.97 -5.44
N ALA A 15 -2.73 -22.56 -5.12
CA ALA A 15 -1.83 -22.09 -4.07
C ALA A 15 -1.46 -20.61 -4.17
N TYR A 16 -1.43 -20.07 -5.38
CA TYR A 16 -0.97 -18.69 -5.61
C TYR A 16 -2.11 -17.72 -5.35
N ALA A 17 -3.31 -18.27 -5.20
CA ALA A 17 -4.47 -17.46 -4.98
C ALA A 17 -4.47 -16.78 -3.61
N GLN A 18 -3.69 -17.28 -2.66
CA GLN A 18 -3.45 -16.57 -1.38
C GLN A 18 -2.05 -15.95 -1.44
N TRP A 19 -1.99 -14.63 -1.33
CA TRP A 19 -0.74 -13.96 -1.60
C TRP A 19 -0.80 -12.62 -0.88
N MSE A 20 0.39 -12.11 -0.58
CA MSE A 20 0.52 -10.81 0.06
C MSE A 20 1.77 -10.17 -0.54
O MSE A 20 2.72 -10.84 -0.93
CB MSE A 20 0.61 -10.93 1.61
CG MSE A 20 1.74 -11.78 2.22
SE MSE A 20 3.42 -10.68 2.35
CE MSE A 20 2.88 -10.11 4.15
N GLU A 21 1.78 -8.84 -0.59
CA GLU A 21 3.01 -8.13 -0.85
C GLU A 21 3.04 -6.96 0.11
N ILE A 22 4.14 -6.82 0.85
CA ILE A 22 4.25 -5.79 1.89
C ILE A 22 5.43 -4.86 1.51
N THR A 23 5.15 -3.57 1.47
CA THR A 23 6.18 -2.63 1.06
C THR A 23 6.44 -1.78 2.31
N ILE A 24 7.72 -1.61 2.69
CA ILE A 24 8.16 -0.79 3.84
C ILE A 24 8.95 0.38 3.30
N PHE A 25 8.44 1.59 3.54
CA PHE A 25 9.08 2.82 3.00
C PHE A 25 9.52 3.54 4.24
N VAL A 26 10.73 4.12 4.22
CA VAL A 26 11.32 4.66 5.45
C VAL A 26 11.87 6.04 5.20
N VAL A 27 11.94 6.79 6.29
CA VAL A 27 12.39 8.21 6.28
C VAL A 27 13.18 8.51 7.53
N ASN A 28 14.26 9.25 7.32
CA ASN A 28 15.09 9.86 8.33
CA ASN A 28 15.05 9.87 8.37
C ASN A 28 16.09 8.95 9.07
N SER A 29 16.32 7.76 8.52
CA SER A 29 17.35 6.80 8.96
C SER A 29 17.42 5.69 7.94
N ASN A 30 18.41 4.80 8.06
CA ASN A 30 18.42 3.54 7.28
C ASN A 30 18.05 2.46 8.26
N PHE A 31 17.17 1.54 7.82
CA PHE A 31 16.62 0.52 8.69
C PHE A 31 16.96 -0.83 8.09
N LYS A 32 16.86 -1.87 8.93
CA LYS A 32 17.31 -3.24 8.63
C LYS A 32 16.19 -4.22 8.91
N VAL A 33 15.91 -5.08 7.91
CA VAL A 33 14.98 -6.23 8.14
C VAL A 33 15.72 -7.36 8.85
N GLU A 34 15.12 -7.94 9.91
CA GLU A 34 15.71 -9.14 10.51
C GLU A 34 14.55 -9.97 11.02
N GLY A 35 14.87 -11.22 11.35
CA GLY A 35 13.88 -12.05 11.99
C GLY A 35 12.81 -12.63 11.03
N ALA A 36 13.00 -12.53 9.70
CA ALA A 36 11.99 -13.05 8.80
C ALA A 36 11.86 -14.59 8.91
N TYR A 37 10.60 -15.08 8.92
CA TYR A 37 10.34 -16.48 8.95
C TYR A 37 9.04 -16.78 8.29
N LEU A 38 8.85 -18.07 7.97
CA LEU A 38 7.58 -18.52 7.52
C LEU A 38 7.34 -19.82 8.21
N ARG A 39 6.07 -20.02 8.52
CA ARG A 39 5.53 -21.32 8.93
C ARG A 39 4.80 -22.01 7.80
N TRP A 40 4.18 -21.27 6.93
CA TRP A 40 3.54 -21.80 5.71
C TRP A 40 3.83 -20.89 4.54
N GLY A 41 3.92 -21.50 3.36
CA GLY A 41 4.15 -20.86 2.12
C GLY A 41 5.59 -20.59 1.80
N LYS A 42 5.80 -19.67 0.87
CA LYS A 42 7.13 -19.32 0.44
C LYS A 42 7.28 -17.81 0.24
N PHE A 43 8.51 -17.33 0.34
CA PHE A 43 8.83 -15.99 -0.03
C PHE A 43 9.24 -16.06 -1.49
N HIS A 44 9.10 -14.94 -2.17
CA HIS A 44 9.47 -14.81 -3.57
C HIS A 44 9.67 -13.35 -3.98
N VAL A 45 10.36 -13.25 -5.11
CA VAL A 45 10.71 -11.96 -5.71
C VAL A 45 9.40 -11.29 -6.02
N PRO A 46 9.22 -10.05 -5.58
CA PRO A 46 7.98 -9.39 -5.82
C PRO A 46 7.67 -9.30 -7.33
N GLY A 47 6.43 -9.63 -7.65
CA GLY A 47 5.98 -9.73 -9.03
C GLY A 47 6.21 -11.05 -9.74
N ASP A 48 6.85 -12.02 -9.12
CA ASP A 48 7.14 -13.27 -9.79
C ASP A 48 7.11 -14.39 -8.80
N LYS A 49 5.91 -14.87 -8.59
CA LYS A 49 5.64 -15.96 -7.67
C LYS A 49 6.40 -17.25 -7.99
N ASP A 50 6.96 -17.39 -9.19
CA ASP A 50 7.79 -18.60 -9.49
C ASP A 50 9.23 -18.44 -9.05
N LYS A 51 9.67 -17.27 -8.56
CA LYS A 51 11.05 -17.07 -8.21
C LYS A 51 11.23 -16.99 -6.64
N GLU A 52 11.39 -18.13 -6.01
CA GLU A 52 11.43 -18.26 -4.52
C GLU A 52 12.74 -17.71 -4.00
N ILE A 53 12.68 -17.04 -2.86
CA ILE A 53 13.86 -16.61 -2.13
C ILE A 53 13.66 -17.12 -0.67
N SER A 54 14.74 -17.22 0.05
CA SER A 54 14.68 -17.69 1.40
C SER A 54 14.54 -16.55 2.38
N PRO A 55 14.14 -16.85 3.63
CA PRO A 55 14.23 -15.87 4.75
C PRO A 55 15.58 -15.24 4.84
N SER A 56 16.62 -16.07 4.64
CA SER A 56 17.97 -15.55 4.76
C SER A 56 18.34 -14.43 3.74
N GLN A 57 17.72 -14.47 2.56
CA GLN A 57 17.87 -13.41 1.56
C GLN A 57 17.17 -12.09 1.90
N ILE A 58 16.15 -12.17 2.76
CA ILE A 58 15.49 -10.99 3.31
C ILE A 58 16.26 -10.41 4.53
N ASN A 59 16.60 -11.32 5.47
CA ASN A 59 17.23 -10.90 6.68
C ASN A 59 18.55 -10.19 6.41
N GLY A 60 18.75 -9.04 7.05
CA GLY A 60 19.91 -8.22 6.81
C GLY A 60 19.79 -7.13 5.78
N THR A 61 18.69 -7.11 5.07
CA THR A 61 18.41 -6.14 4.02
C THR A 61 18.37 -4.74 4.66
N ILE A 62 19.11 -3.81 4.10
CA ILE A 62 19.01 -2.44 4.60
C ILE A 62 18.06 -1.67 3.68
N ILE A 63 17.07 -0.95 4.28
CA ILE A 63 16.24 0.01 3.61
C ILE A 63 16.79 1.38 3.87
N LYS A 64 17.28 1.99 2.81
CA LYS A 64 17.82 3.37 2.95
C LYS A 64 16.79 4.47 3.06
N ASP A 65 17.20 5.57 3.69
CA ASP A 65 16.38 6.72 3.80
C ASP A 65 15.73 7.11 2.49
N GLU A 66 14.40 7.32 2.53
CA GLU A 66 13.53 7.70 1.39
C GLU A 66 13.42 6.64 0.31
N ASP A 67 13.79 5.38 0.64
CA ASP A 67 13.56 4.23 -0.20
C ASP A 67 12.57 3.25 0.40
N SER A 68 12.11 2.33 -0.43
CA SER A 68 11.30 1.25 0.13
C SER A 68 11.91 -0.12 -0.25
N TYR A 69 11.35 -1.13 0.37
CA TYR A 69 11.72 -2.55 0.00
C TYR A 69 10.44 -3.36 0.18
N THR A 70 10.24 -4.37 -0.70
CA THR A 70 9.03 -5.16 -0.67
C THR A 70 9.39 -6.58 -0.40
N ILE A 71 8.58 -7.18 0.45
CA ILE A 71 8.62 -8.60 0.78
C ILE A 71 7.31 -9.19 0.13
N ALA A 72 7.42 -10.39 -0.38
CA ALA A 72 6.25 -11.01 -1.01
C ALA A 72 6.20 -12.46 -0.65
N SER A 73 5.03 -12.98 -0.36
CA SER A 73 4.95 -14.38 -0.05
C SER A 73 3.61 -14.85 -0.54
N CYS A 74 3.51 -16.13 -0.93
CA CYS A 74 2.27 -16.72 -1.37
C CYS A 74 2.26 -18.20 -1.01
N GLY A 75 1.18 -18.88 -1.37
CA GLY A 75 1.18 -20.31 -1.13
C GLY A 75 2.19 -21.07 -1.92
N ARG A 76 2.59 -22.22 -1.38
CA ARG A 76 3.52 -23.16 -2.02
C ARG A 76 2.72 -24.11 -2.90
N GLU A 77 3.07 -24.10 -4.18
CA GLU A 77 2.59 -25.10 -5.14
C GLU A 77 2.55 -26.55 -4.58
N ASN A 78 1.36 -27.14 -4.60
CA ASN A 78 1.09 -28.52 -4.11
C ASN A 78 1.56 -28.78 -2.71
N ALA A 79 1.16 -27.89 -1.82
CA ALA A 79 1.57 -28.03 -0.46
C ALA A 79 0.69 -27.16 0.41
N SER A 80 1.07 -25.88 0.52
CA SER A 80 0.73 -25.12 1.73
C SER A 80 -0.68 -24.53 1.83
N SER A 81 -1.12 -24.57 3.08
CA SER A 81 -2.16 -23.71 3.61
C SER A 81 -1.67 -22.28 3.58
N GLY A 82 -1.57 -21.68 2.39
CA GLY A 82 -1.41 -20.25 2.23
C GLY A 82 -0.04 -19.77 2.69
N THR A 83 -0.03 -18.59 3.32
CA THR A 83 1.19 -18.02 3.89
C THR A 83 0.96 -17.57 5.33
N GLU A 84 1.94 -17.82 6.16
CA GLU A 84 1.93 -17.46 7.57
C GLU A 84 3.37 -17.20 7.94
N GLY A 85 3.62 -16.00 8.47
CA GLY A 85 5.03 -15.64 8.79
C GLY A 85 5.09 -14.28 9.44
N GLY A 86 6.34 -13.74 9.46
CA GLY A 86 6.59 -12.44 10.06
C GLY A 86 8.03 -11.98 9.83
N PHE A 87 8.30 -10.74 10.31
CA PHE A 87 9.63 -10.16 10.26
C PHE A 87 9.62 -8.96 11.18
N SER A 88 10.80 -8.43 11.41
CA SER A 88 11.06 -7.32 12.32
C SER A 88 11.90 -6.26 11.63
N LEU A 89 11.73 -5.03 12.07
CA LEU A 89 12.58 -3.97 11.45
C LEU A 89 13.28 -3.28 12.57
N TYR A 90 14.52 -2.97 12.34
CA TYR A 90 15.38 -2.33 13.33
C TYR A 90 15.93 -1.00 12.76
N ASP A 91 16.35 -0.13 13.67
CA ASP A 91 17.09 1.12 13.33
C ASP A 91 18.37 0.97 14.18
N GLY A 92 19.45 0.50 13.56
CA GLY A 92 20.64 0.14 14.34
C GLY A 92 20.32 -1.06 15.23
N ASP A 93 20.58 -0.92 16.51
CA ASP A 93 20.27 -1.98 17.47
C ASP A 93 18.87 -1.82 18.14
N LYS A 94 18.07 -0.90 17.66
CA LYS A 94 16.79 -0.55 18.25
C LYS A 94 15.68 -1.29 17.44
N LEU A 95 14.88 -2.09 18.13
CA LEU A 95 13.73 -2.75 17.45
C LEU A 95 12.61 -1.69 17.27
N VAL A 96 12.17 -1.45 16.01
CA VAL A 96 11.18 -0.47 15.69
C VAL A 96 9.77 -1.13 15.64
N PHE A 97 9.64 -2.23 14.91
CA PHE A 97 8.33 -3.01 14.86
C PHE A 97 8.52 -4.49 14.57
N GLU A 98 7.51 -5.23 14.94
CA GLU A 98 7.39 -6.65 14.64
C GLU A 98 6.10 -6.76 13.84
N TYR A 99 6.17 -7.49 12.71
CA TYR A 99 4.98 -7.73 11.94
C TYR A 99 4.70 -9.24 11.80
N TYR A 100 3.43 -9.61 11.69
CA TYR A 100 3.01 -11.06 11.61
C TYR A 100 1.75 -11.13 10.84
N TRP A 101 1.65 -12.15 9.98
CA TRP A 101 0.46 -12.38 9.18
C TRP A 101 0.11 -13.89 9.18
N ASP A 102 -1.18 -14.18 9.03
CA ASP A 102 -1.63 -15.53 8.93
C ASP A 102 -2.73 -15.47 7.92
N CYS A 103 -2.43 -15.92 6.71
CA CYS A 103 -3.31 -15.87 5.58
C CYS A 103 -3.46 -17.30 5.03
N PRO A 104 -4.36 -18.04 5.64
CA PRO A 104 -4.48 -19.49 5.42
C PRO A 104 -5.20 -19.81 4.13
N TRP A 105 -4.98 -21.01 3.62
CA TRP A 105 -5.63 -21.47 2.40
C TRP A 105 -7.18 -21.48 2.60
N SER A 106 -7.64 -22.01 3.73
CA SER A 106 -9.06 -22.00 4.09
C SER A 106 -9.18 -21.37 5.46
N GLY A 107 -9.67 -20.14 5.51
CA GLY A 107 -9.81 -19.42 6.76
C GLY A 107 -9.73 -17.92 6.55
N SER A 108 -9.80 -17.17 7.63
CA SER A 108 -9.78 -15.72 7.55
C SER A 108 -8.36 -15.21 7.74
N ASN A 109 -7.97 -14.25 6.89
CA ASN A 109 -6.70 -13.51 7.01
C ASN A 109 -6.69 -12.80 8.34
N SER A 110 -5.53 -12.83 9.03
CA SER A 110 -5.29 -11.92 10.12
C SER A 110 -3.84 -11.39 10.07
N ASP A 111 -3.64 -10.29 10.74
CA ASP A 111 -2.23 -9.83 10.94
C ASP A 111 -2.08 -9.09 12.23
N GLU A 112 -0.87 -8.60 12.48
CA GLU A 112 -0.63 -7.89 13.71
C GLU A 112 0.66 -7.17 13.53
N LEU A 113 0.61 -5.89 13.82
CA LEU A 113 1.80 -4.97 13.78
C LEU A 113 2.02 -4.44 15.15
N THR A 114 3.13 -4.82 15.74
CA THR A 114 3.54 -4.43 17.05
C THR A 114 4.60 -3.34 16.95
N VAL A 115 4.26 -2.09 17.33
CA VAL A 115 5.26 -1.04 17.27
C VAL A 115 5.95 -0.98 18.61
N LYS A 116 7.26 -1.01 18.56
CA LYS A 116 8.04 -1.18 19.80
C LYS A 116 8.58 0.15 20.33
N ASP A 117 8.70 1.16 19.47
CA ASP A 117 9.11 2.47 19.97
C ASP A 117 8.26 3.52 19.32
N LYS A 118 7.10 3.79 19.92
CA LYS A 118 6.19 4.80 19.41
C LYS A 118 6.69 6.23 19.63
N GLU A 119 7.56 6.38 20.62
CA GLU A 119 8.06 7.68 21.03
C GLU A 119 8.97 8.24 19.96
N ASN A 120 9.80 7.43 19.34
CA ASN A 120 10.88 7.90 18.42
C ASN A 120 10.53 7.73 16.92
N TYR A 121 9.49 6.93 16.62
CA TYR A 121 9.09 6.57 15.27
C TYR A 121 7.56 6.66 15.07
N THR A 122 7.18 7.18 13.95
CA THR A 122 5.83 7.07 13.47
C THR A 122 5.78 5.89 12.51
N VAL A 123 4.97 4.90 12.90
CA VAL A 123 4.84 3.74 12.08
C VAL A 123 3.37 3.52 11.74
N ILE A 124 3.06 3.52 10.45
CA ILE A 124 1.65 3.41 9.93
C ILE A 124 1.48 2.31 8.87
N LYS A 125 0.50 1.38 9.13
CA LYS A 125 0.15 0.40 8.12
C LYS A 125 -1.21 0.70 7.37
N LYS A 126 -1.21 0.46 6.07
CA LYS A 126 -2.40 0.55 5.21
C LYS A 126 -2.53 -0.81 4.57
N GLY A 127 -3.78 -1.28 4.38
CA GLY A 127 -4.01 -2.67 3.96
C GLY A 127 -3.80 -3.60 5.14
N GLY A 128 -3.93 -4.90 4.91
CA GLY A 128 -3.65 -5.87 5.99
C GLY A 128 -4.91 -6.04 6.83
N GLY A 129 -4.77 -6.65 8.01
CA GLY A 129 -5.91 -6.86 8.90
C GLY A 129 -6.61 -8.06 8.36
N SER A 130 -7.94 -7.96 8.24
CA SER A 130 -8.83 -9.08 7.87
C SER A 130 -9.75 -8.82 6.64
N PRO A 131 -9.15 -8.58 5.44
CA PRO A 131 -9.97 -8.54 4.24
C PRO A 131 -10.50 -9.92 3.82
N SER A 132 -11.37 -9.93 2.82
CA SER A 132 -11.81 -11.18 2.22
C SER A 132 -10.71 -11.70 1.32
N GLY A 133 -10.90 -12.93 0.83
CA GLY A 133 -10.07 -13.48 -0.27
C GLY A 133 -8.57 -13.36 -0.01
N ALA A 134 -7.82 -12.96 -1.03
CA ALA A 134 -6.35 -12.86 -0.88
C ALA A 134 -5.96 -11.66 -0.01
N MSE A 135 -4.97 -11.86 0.85
CA MSE A 135 -4.47 -10.75 1.68
C MSE A 135 -4.12 -9.49 0.90
O MSE A 135 -4.48 -8.41 1.29
CB MSE A 135 -3.33 -11.26 2.56
CG MSE A 135 -2.75 -10.25 3.54
SE MSE A 135 -4.10 -9.62 4.81
CE MSE A 135 -3.17 -9.90 6.49
N GLY A 136 -3.38 -9.60 -0.18
CA GLY A 136 -3.22 -8.44 -1.05
C GLY A 136 -1.99 -7.58 -0.74
N ASN A 137 -2.05 -6.30 -1.09
CA ASN A 137 -0.95 -5.37 -0.95
C ASN A 137 -1.06 -4.67 0.42
N ILE A 138 0.08 -4.51 1.11
CA ILE A 138 0.11 -3.88 2.43
C ILE A 138 1.31 -2.92 2.34
N PHE A 139 1.20 -1.79 3.04
CA PHE A 139 2.13 -0.67 2.99
C PHE A 139 2.40 -0.28 4.43
N ILE A 140 3.69 -0.23 4.82
CA ILE A 140 4.08 0.34 6.13
C ILE A 140 5.09 1.48 5.87
N THR A 141 4.82 2.64 6.42
CA THR A 141 5.68 3.78 6.47
C THR A 141 6.28 3.84 7.87
N VAL A 142 7.56 4.25 7.88
CA VAL A 142 8.26 4.39 9.06
C VAL A 142 9.03 5.74 8.97
N VAL A 143 8.78 6.62 9.90
CA VAL A 143 9.42 7.94 9.95
C VAL A 143 10.09 8.04 11.29
N LYS A 144 11.43 8.12 11.30
CA LYS A 144 12.16 8.48 12.56
C LYS A 144 11.88 9.97 12.83
N LYS A 145 11.33 10.27 14.00
CA LYS A 145 10.90 11.61 14.33
C LYS A 145 12.13 12.52 14.39
N SER A 146 11.94 13.71 13.81
CA SER A 146 12.93 14.82 13.87
C SER A 146 12.60 15.73 15.04
N LEU A 147 13.53 15.92 15.95
CA LEU A 147 13.26 16.70 17.18
C LEU A 147 12.71 18.12 16.88
N GLU A 148 13.27 18.77 15.87
CA GLU A 148 12.92 20.16 15.59
C GLU A 148 11.49 20.24 15.13
N HIS A 149 10.97 19.12 14.61
CA HIS A 149 9.54 19.09 14.22
C HIS A 149 8.65 18.54 15.30
N HIS A 150 9.06 17.40 15.91
CA HIS A 150 8.17 16.69 16.82
C HIS A 150 8.34 17.05 18.34
N HIS A 151 9.53 17.52 18.74
CA HIS A 151 9.82 17.84 20.15
C HIS A 151 9.46 16.69 21.05
N HIS A 152 10.02 15.54 20.71
CA HIS A 152 9.51 14.31 21.25
C HIS A 152 10.41 13.76 22.35
N HIS A 153 11.45 14.49 22.77
CA HIS A 153 12.24 13.98 23.85
C HIS A 153 11.57 14.16 25.21
N HIS A 154 10.82 15.22 25.39
CA HIS A 154 10.14 15.42 26.68
C HIS A 154 8.65 15.68 26.41
N GLU B 9 -29.30 -2.38 -1.14
CA GLU B 9 -29.87 -3.40 -0.19
C GLU B 9 -28.92 -4.61 -0.16
N GLU B 10 -28.65 -5.12 -1.37
CA GLU B 10 -27.59 -6.11 -1.66
C GLU B 10 -27.08 -5.85 -3.09
N SER B 11 -27.71 -4.88 -3.73
CA SER B 11 -27.08 -4.03 -4.72
C SER B 11 -25.70 -3.58 -4.20
N LYS B 12 -25.63 -3.24 -2.91
CA LYS B 12 -24.39 -2.78 -2.29
C LYS B 12 -23.33 -3.85 -2.39
N ILE B 13 -23.70 -5.08 -2.11
CA ILE B 13 -22.80 -6.21 -2.33
C ILE B 13 -22.16 -6.25 -3.73
N ARG B 14 -22.93 -6.10 -4.80
CA ARG B 14 -22.33 -6.21 -6.15
C ARG B 14 -21.67 -4.92 -6.63
N ALA B 15 -22.09 -3.80 -6.05
CA ALA B 15 -21.43 -2.51 -6.27
C ALA B 15 -20.07 -2.41 -5.55
N TYR B 16 -20.04 -2.81 -4.28
CA TYR B 16 -18.87 -2.60 -3.38
C TYR B 16 -17.75 -3.58 -3.64
N ALA B 17 -18.07 -4.62 -4.42
CA ALA B 17 -17.13 -5.70 -4.68
C ALA B 17 -15.99 -5.26 -5.59
N GLN B 18 -16.18 -4.14 -6.29
CA GLN B 18 -15.13 -3.48 -7.05
C GLN B 18 -14.75 -2.21 -6.30
N TRP B 19 -13.51 -2.17 -5.78
CA TRP B 19 -13.08 -1.08 -4.93
C TRP B 19 -11.58 -0.89 -5.01
N MSE B 20 -11.17 0.32 -4.63
CA MSE B 20 -9.76 0.69 -4.65
C MSE B 20 -9.55 1.69 -3.54
O MSE B 20 -10.41 2.49 -3.17
CB MSE B 20 -9.20 1.31 -5.98
CG MSE B 20 -9.92 2.59 -6.42
SE MSE B 20 -9.27 4.28 -5.56
CE MSE B 20 -8.07 4.71 -7.03
N GLU B 21 -8.37 1.63 -2.96
CA GLU B 21 -7.98 2.65 -2.00
C GLU B 21 -6.57 2.98 -2.40
N ILE B 22 -6.29 4.29 -2.55
CA ILE B 22 -4.99 4.73 -3.02
C ILE B 22 -4.39 5.68 -2.00
N THR B 23 -3.17 5.39 -1.57
CA THR B 23 -2.61 6.14 -0.50
C THR B 23 -1.41 6.80 -1.13
N ILE B 24 -1.28 8.12 -0.89
CA ILE B 24 -0.17 8.95 -1.39
C ILE B 24 0.62 9.44 -0.19
N PHE B 25 1.89 9.04 -0.10
CA PHE B 25 2.78 9.45 0.99
C PHE B 25 3.85 10.32 0.37
N VAL B 26 4.22 11.44 1.01
CA VAL B 26 5.04 12.39 0.33
C VAL B 26 6.14 12.79 1.31
N VAL B 27 7.21 13.23 0.69
CA VAL B 27 8.45 13.61 1.35
C VAL B 27 9.07 14.83 0.71
N ASN B 28 9.55 15.72 1.55
CA ASN B 28 10.39 16.89 1.20
C ASN B 28 9.70 18.08 0.63
N SER B 29 8.37 18.08 0.66
CA SER B 29 7.54 19.25 0.39
C SER B 29 6.11 19.04 0.82
N ASN B 30 5.23 20.03 0.69
CA ASN B 30 3.83 19.81 0.89
C ASN B 30 3.24 19.84 -0.49
N PHE B 31 2.44 18.82 -0.76
CA PHE B 31 1.83 18.59 -2.07
C PHE B 31 0.32 18.79 -1.95
N LYS B 32 -0.31 19.07 -3.10
CA LYS B 32 -1.75 19.26 -3.19
C LYS B 32 -2.45 18.42 -4.24
N VAL B 33 -3.58 17.79 -3.87
CA VAL B 33 -4.41 17.02 -4.79
C VAL B 33 -5.32 18.02 -5.52
N GLU B 34 -5.42 17.86 -6.84
CA GLU B 34 -6.37 18.60 -7.66
C GLU B 34 -6.80 17.75 -8.79
N GLY B 35 -7.85 18.21 -9.46
CA GLY B 35 -8.34 17.53 -10.63
C GLY B 35 -9.03 16.22 -10.43
N ALA B 36 -9.43 15.90 -9.20
CA ALA B 36 -10.09 14.62 -8.98
C ALA B 36 -11.43 14.60 -9.68
N TYR B 37 -11.76 13.49 -10.32
CA TYR B 37 -13.07 13.28 -10.99
C TYR B 37 -13.45 11.81 -10.98
N LEU B 38 -14.73 11.51 -11.23
CA LEU B 38 -15.21 10.20 -11.50
C LEU B 38 -16.14 10.32 -12.68
N ARG B 39 -16.04 9.28 -13.50
CA ARG B 39 -17.01 9.03 -14.52
C ARG B 39 -18.01 7.94 -14.04
N TRP B 40 -17.54 6.97 -13.26
CA TRP B 40 -18.39 5.94 -12.68
C TRP B 40 -17.94 5.72 -11.26
N GLY B 41 -18.90 5.48 -10.41
CA GLY B 41 -18.68 5.09 -9.02
C GLY B 41 -18.81 6.29 -8.13
N LYS B 42 -18.43 6.12 -6.88
CA LYS B 42 -18.41 7.22 -5.90
C LYS B 42 -17.05 7.24 -5.20
N PHE B 43 -16.72 8.40 -4.66
CA PHE B 43 -15.64 8.50 -3.70
C PHE B 43 -16.23 8.33 -2.30
N HIS B 44 -15.42 7.90 -1.36
CA HIS B 44 -15.93 7.70 -0.01
C HIS B 44 -14.76 7.75 0.99
N VAL B 45 -15.17 7.96 2.24
CA VAL B 45 -14.25 7.99 3.36
C VAL B 45 -13.51 6.65 3.41
N PRO B 46 -12.19 6.68 3.42
CA PRO B 46 -11.54 5.37 3.40
C PRO B 46 -11.99 4.51 4.58
N GLY B 47 -12.34 3.28 4.26
CA GLY B 47 -12.79 2.37 5.29
C GLY B 47 -14.29 2.39 5.56
N ASP B 48 -15.04 3.30 4.97
CA ASP B 48 -16.48 3.32 5.10
C ASP B 48 -17.12 3.61 3.78
N LYS B 49 -17.40 2.55 2.98
CA LYS B 49 -17.96 2.64 1.61
C LYS B 49 -19.37 3.25 1.60
N ASP B 50 -19.99 3.36 2.76
CA ASP B 50 -21.29 4.04 2.83
C ASP B 50 -21.18 5.51 3.16
N LYS B 51 -19.97 6.06 3.38
CA LYS B 51 -19.87 7.48 3.62
C LYS B 51 -19.28 8.23 2.40
N GLU B 52 -20.17 8.72 1.52
CA GLU B 52 -19.80 9.30 0.24
C GLU B 52 -19.24 10.69 0.49
N ILE B 53 -18.23 11.02 -0.29
CA ILE B 53 -17.69 12.37 -0.36
C ILE B 53 -17.56 12.73 -1.84
N SER B 54 -17.43 14.00 -2.12
CA SER B 54 -17.44 14.46 -3.45
C SER B 54 -16.04 14.76 -3.90
N PRO B 55 -15.83 14.84 -5.23
CA PRO B 55 -14.52 15.23 -5.77
C PRO B 55 -14.08 16.51 -5.17
N SER B 56 -15.03 17.44 -4.94
CA SER B 56 -14.64 18.72 -4.36
C SER B 56 -14.03 18.62 -2.92
N GLN B 57 -14.35 17.57 -2.19
CA GLN B 57 -13.82 17.43 -0.84
C GLN B 57 -12.39 16.88 -0.88
N ILE B 58 -12.03 16.34 -2.06
CA ILE B 58 -10.69 15.80 -2.26
C ILE B 58 -9.81 16.91 -2.79
N ASN B 59 -10.28 17.64 -3.83
CA ASN B 59 -9.51 18.70 -4.44
C ASN B 59 -9.13 19.75 -3.45
N GLY B 60 -7.87 20.16 -3.49
CA GLY B 60 -7.33 21.18 -2.61
C GLY B 60 -6.70 20.66 -1.34
N THR B 61 -6.89 19.38 -1.10
CA THR B 61 -6.27 18.66 0.03
C THR B 61 -4.77 18.83 -0.05
N ILE B 62 -4.18 19.34 1.03
CA ILE B 62 -2.70 19.39 1.17
C ILE B 62 -2.23 18.15 1.88
N ILE B 63 -1.20 17.50 1.31
CA ILE B 63 -0.51 16.40 1.97
C ILE B 63 0.84 16.92 2.44
N LYS B 64 1.04 16.91 3.75
CA LYS B 64 2.24 17.50 4.35
C LYS B 64 3.40 16.49 4.30
N ASP B 65 4.60 17.01 4.20
CA ASP B 65 5.83 16.28 4.32
C ASP B 65 5.75 15.20 5.41
N GLU B 66 6.11 13.99 5.00
CA GLU B 66 6.09 12.82 5.82
C GLU B 66 4.74 12.34 6.26
N ASP B 67 3.64 12.81 5.65
CA ASP B 67 2.30 12.31 5.92
C ASP B 67 1.74 11.62 4.67
N SER B 68 0.63 10.90 4.85
CA SER B 68 -0.08 10.36 3.69
C SER B 68 -1.54 10.89 3.63
N TYR B 69 -2.15 10.74 2.47
CA TYR B 69 -3.64 10.99 2.31
C TYR B 69 -4.15 9.82 1.45
N THR B 70 -5.34 9.27 1.79
CA THR B 70 -5.94 8.14 1.05
C THR B 70 -7.19 8.58 0.36
N ILE B 71 -7.30 8.21 -0.90
CA ILE B 71 -8.51 8.42 -1.71
C ILE B 71 -9.12 7.00 -1.89
N ALA B 72 -10.43 6.88 -1.78
CA ALA B 72 -11.12 5.60 -1.89
C ALA B 72 -12.31 5.73 -2.78
N SER B 73 -12.52 4.74 -3.59
CA SER B 73 -13.66 4.77 -4.47
C SER B 73 -14.13 3.35 -4.70
N CYS B 74 -15.41 3.16 -4.88
CA CYS B 74 -15.96 1.84 -5.23
C CYS B 74 -17.18 2.08 -6.10
N GLY B 75 -17.86 1.01 -6.45
CA GLY B 75 -19.10 1.17 -7.19
C GLY B 75 -20.20 1.86 -6.43
N ARG B 76 -21.17 2.41 -7.18
CA ARG B 76 -22.31 3.09 -6.58
C ARG B 76 -23.46 2.07 -6.56
N GLU B 77 -23.97 1.80 -5.37
CA GLU B 77 -25.11 0.86 -5.19
C GLU B 77 -26.33 1.28 -5.98
N ASN B 78 -26.83 0.33 -6.77
CA ASN B 78 -27.99 0.47 -7.64
C ASN B 78 -27.70 1.36 -8.86
N ALA B 79 -26.43 1.46 -9.26
CA ALA B 79 -25.97 2.50 -10.19
C ALA B 79 -24.76 2.14 -11.06
N SER B 80 -23.64 1.75 -10.43
CA SER B 80 -22.51 1.20 -11.17
C SER B 80 -21.93 -0.02 -10.44
N SER B 81 -21.22 -0.83 -11.20
CA SER B 81 -20.55 -1.99 -10.63
C SER B 81 -19.16 -1.56 -10.19
N GLY B 82 -18.67 -0.48 -10.81
CA GLY B 82 -17.30 -0.16 -10.66
C GLY B 82 -17.05 1.33 -10.54
N THR B 83 -15.77 1.64 -10.68
CA THR B 83 -15.24 2.97 -10.55
C THR B 83 -14.32 3.24 -11.68
N GLU B 84 -14.44 4.46 -12.21
CA GLU B 84 -13.52 4.96 -13.17
C GLU B 84 -13.32 6.43 -12.87
N GLY B 85 -12.07 6.85 -12.83
CA GLY B 85 -11.76 8.24 -12.54
C GLY B 85 -10.27 8.52 -12.43
N GLY B 86 -9.93 9.65 -11.81
CA GLY B 86 -8.54 10.07 -11.66
C GLY B 86 -8.34 11.31 -10.83
N PHE B 87 -7.07 11.72 -10.70
CA PHE B 87 -6.65 12.92 -10.02
C PHE B 87 -5.22 13.27 -10.34
N SER B 88 -4.84 14.49 -9.96
CA SER B 88 -3.48 14.94 -10.14
C SER B 88 -2.84 15.38 -8.81
N LEU B 89 -1.50 15.40 -8.74
CA LEU B 89 -0.87 15.97 -7.56
C LEU B 89 0.07 17.07 -8.04
N TYR B 90 0.03 18.18 -7.32
CA TYR B 90 0.87 19.34 -7.52
C TYR B 90 1.85 19.59 -6.34
N ASP B 91 3.00 20.19 -6.64
CA ASP B 91 3.86 20.75 -5.61
C ASP B 91 3.84 22.26 -5.90
N GLY B 92 3.05 23.01 -5.13
CA GLY B 92 2.92 24.46 -5.41
C GLY B 92 2.26 24.56 -6.79
N ASP B 93 2.92 25.19 -7.74
CA ASP B 93 2.40 25.38 -9.07
C ASP B 93 2.87 24.26 -10.05
N LYS B 94 3.76 23.35 -9.59
CA LYS B 94 4.30 22.33 -10.47
C LYS B 94 3.38 21.09 -10.51
N LEU B 95 3.05 20.61 -11.69
CA LEU B 95 2.36 19.32 -11.85
C LEU B 95 3.35 18.19 -11.70
N VAL B 96 3.12 17.32 -10.70
CA VAL B 96 4.00 16.29 -10.40
C VAL B 96 3.59 14.97 -11.08
N PHE B 97 2.32 14.56 -10.97
CA PHE B 97 1.81 13.38 -11.67
C PHE B 97 0.31 13.47 -11.90
N GLU B 98 -0.14 12.67 -12.84
CA GLU B 98 -1.57 12.44 -13.09
C GLU B 98 -1.76 10.98 -12.92
N TYR B 99 -2.91 10.62 -12.34
CA TYR B 99 -3.26 9.22 -12.18
C TYR B 99 -4.69 8.98 -12.66
N TYR B 100 -4.95 7.79 -13.20
CA TYR B 100 -6.22 7.47 -13.79
C TYR B 100 -6.44 5.98 -13.61
N TRP B 101 -7.68 5.60 -13.31
CA TRP B 101 -8.06 4.20 -13.21
C TRP B 101 -9.42 3.93 -13.96
N ASP B 102 -9.53 2.69 -14.40
CA ASP B 102 -10.76 2.20 -14.98
C ASP B 102 -10.97 0.80 -14.48
N CYS B 103 -11.88 0.63 -13.53
CA CYS B 103 -12.19 -0.67 -12.96
C CYS B 103 -13.66 -0.86 -12.95
N PRO B 104 -14.22 -1.29 -14.10
CA PRO B 104 -15.68 -1.27 -14.28
C PRO B 104 -16.38 -2.44 -13.58
N TRP B 105 -15.64 -3.52 -13.33
CA TRP B 105 -16.18 -4.67 -12.63
C TRP B 105 -15.03 -5.55 -12.11
N SER B 106 -15.32 -6.32 -11.06
CA SER B 106 -14.42 -7.37 -10.58
C SER B 106 -13.81 -8.13 -11.76
N GLY B 107 -12.48 -8.31 -11.76
CA GLY B 107 -11.80 -9.07 -12.82
C GLY B 107 -11.26 -8.20 -13.91
N SER B 108 -11.68 -6.93 -13.93
CA SER B 108 -11.25 -6.01 -14.95
C SER B 108 -10.77 -4.71 -14.30
N ASN B 109 -9.47 -4.47 -14.43
CA ASN B 109 -8.80 -3.34 -13.80
C ASN B 109 -7.75 -2.82 -14.77
N SER B 110 -7.77 -1.52 -15.09
CA SER B 110 -6.58 -0.88 -15.65
C SER B 110 -6.27 0.46 -14.93
N ASP B 111 -5.02 0.87 -15.01
CA ASP B 111 -4.68 2.22 -14.51
C ASP B 111 -3.53 2.80 -15.28
N GLU B 112 -3.14 4.02 -14.90
CA GLU B 112 -2.04 4.66 -15.55
C GLU B 112 -1.60 5.84 -14.69
N LEU B 113 -0.32 5.82 -14.37
CA LEU B 113 0.40 6.88 -13.65
C LEU B 113 1.32 7.57 -14.63
N THR B 114 1.01 8.81 -14.90
CA THR B 114 1.85 9.70 -15.70
C THR B 114 2.69 10.64 -14.87
N VAL B 115 4.03 10.49 -14.81
CA VAL B 115 4.88 11.39 -14.03
C VAL B 115 5.33 12.59 -14.93
N LYS B 116 4.99 13.78 -14.50
CA LYS B 116 5.24 14.95 -15.31
C LYS B 116 6.60 15.57 -15.01
N ASP B 117 7.22 15.21 -13.89
CA ASP B 117 8.55 15.79 -13.58
C ASP B 117 9.47 14.82 -12.90
N LYS B 118 10.18 14.02 -13.70
CA LYS B 118 11.02 12.94 -13.18
C LYS B 118 12.36 13.40 -12.70
N GLU B 119 12.77 14.56 -13.18
CA GLU B 119 14.05 15.10 -12.82
C GLU B 119 14.00 15.51 -11.37
N ASN B 120 12.90 16.10 -10.94
CA ASN B 120 12.80 16.71 -9.60
C ASN B 120 12.10 15.84 -8.55
N TYR B 121 11.41 14.77 -8.95
CA TYR B 121 10.61 13.94 -8.05
C TYR B 121 10.84 12.47 -8.33
N THR B 122 10.93 11.69 -7.27
CA THR B 122 10.89 10.23 -7.43
C THR B 122 9.48 9.81 -7.05
N VAL B 123 8.78 9.26 -8.04
CA VAL B 123 7.39 8.89 -7.85
C VAL B 123 7.29 7.41 -8.17
N ILE B 124 6.98 6.64 -7.16
CA ILE B 124 6.79 5.17 -7.34
C ILE B 124 5.46 4.65 -6.91
N LYS B 125 4.84 3.79 -7.75
CA LYS B 125 3.59 3.12 -7.42
C LYS B 125 3.69 1.61 -7.20
N LYS B 126 3.06 1.14 -6.13
CA LYS B 126 2.97 -0.25 -5.81
C LYS B 126 1.53 -0.64 -5.83
N GLY B 127 1.21 -1.88 -6.25
CA GLY B 127 -0.19 -2.22 -6.50
C GLY B 127 -0.73 -1.61 -7.80
N GLY B 128 -2.04 -1.62 -7.99
CA GLY B 128 -2.64 -1.06 -9.25
C GLY B 128 -2.41 -1.99 -10.42
N GLY B 129 -2.53 -1.48 -11.65
CA GLY B 129 -2.20 -2.26 -12.84
C GLY B 129 -3.45 -2.98 -13.26
N SER B 130 -3.30 -4.17 -13.81
CA SER B 130 -4.42 -5.00 -14.21
C SER B 130 -4.43 -6.38 -13.52
N PRO B 131 -4.80 -6.42 -12.21
CA PRO B 131 -4.96 -7.64 -11.46
C PRO B 131 -6.35 -8.25 -11.62
N SER B 132 -6.56 -9.40 -11.01
CA SER B 132 -7.85 -10.09 -11.06
C SER B 132 -8.65 -9.86 -9.73
N GLY B 133 -9.97 -9.66 -9.85
CA GLY B 133 -10.83 -9.36 -8.67
C GLY B 133 -10.99 -7.85 -8.41
N ALA B 134 -10.96 -7.45 -7.15
CA ALA B 134 -11.04 -6.02 -6.79
C ALA B 134 -9.72 -5.35 -7.06
N MSE B 135 -9.76 -4.10 -7.57
CA MSE B 135 -8.54 -3.32 -7.72
C MSE B 135 -7.67 -3.28 -6.43
O MSE B 135 -6.48 -3.59 -6.46
CB MSE B 135 -8.86 -1.92 -8.26
CG MSE B 135 -7.60 -1.04 -8.40
SE MSE B 135 -6.44 -1.85 -9.74
CE MSE B 135 -6.19 -0.31 -10.93
N GLY B 136 -8.26 -2.93 -5.30
CA GLY B 136 -7.60 -3.17 -4.02
C GLY B 136 -6.82 -1.95 -3.57
N ASN B 137 -5.70 -2.17 -2.87
CA ASN B 137 -4.88 -1.13 -2.26
C ASN B 137 -3.75 -0.79 -3.17
N ILE B 138 -3.51 0.53 -3.30
CA ILE B 138 -2.49 1.08 -4.16
C ILE B 138 -1.75 2.14 -3.31
N PHE B 139 -0.46 2.19 -3.51
CA PHE B 139 0.43 3.05 -2.78
C PHE B 139 1.35 3.81 -3.73
N ILE B 140 1.39 5.14 -3.57
CA ILE B 140 2.31 5.96 -4.33
C ILE B 140 3.10 6.87 -3.35
N THR B 141 4.40 6.83 -3.51
CA THR B 141 5.41 7.59 -2.74
C THR B 141 5.91 8.64 -3.68
N VAL B 142 6.04 9.81 -3.09
CA VAL B 142 6.51 10.95 -3.85
C VAL B 142 7.60 11.56 -3.02
N VAL B 143 8.78 11.60 -3.60
CA VAL B 143 9.93 12.16 -2.92
C VAL B 143 10.47 13.28 -3.77
N LYS B 144 10.45 14.51 -3.26
CA LYS B 144 11.14 15.62 -3.94
C LYS B 144 12.62 15.42 -3.69
N LYS B 145 13.39 15.45 -4.77
CA LYS B 145 14.81 15.07 -4.72
C LYS B 145 15.67 15.91 -3.82
N SER B 146 15.42 17.22 -3.77
CA SER B 146 16.13 18.06 -2.80
C SER B 146 15.18 18.88 -1.91
N LEU B 147 15.58 19.03 -0.66
CA LEU B 147 14.88 19.93 0.23
C LEU B 147 15.54 21.30 0.11
N GLU B 148 14.74 22.27 -0.32
CA GLU B 148 15.17 23.61 -0.66
C GLU B 148 14.85 24.55 0.51
#